data_5GNI
#
_entry.id   5GNI
#
_cell.length_a   60.522
_cell.length_b   141.496
_cell.length_c   169.918
_cell.angle_alpha   90.00
_cell.angle_beta   90.00
_cell.angle_gamma   90.00
#
_symmetry.space_group_name_H-M   'I 2 2 2'
#
_entity_poly.entity_id   1
_entity_poly.type   'polypeptide(L)'
_entity_poly.pdbx_seq_one_letter_code
;QENSFTINSVDMKSLPDWTVQNGKQLTLQCFADVSTTSHVKPQHQMLFYKDDVLFYQISSMKSTESYFIPEVRIYDSGTY
KCTVIVNNKEKTTAEYQLLVEGVPSPRVTLDKKEAIQGGIVRVQCSVPEEKAPIHFTIEKLELNEKMVKLKREKNSRDQN
FVILEFPVEEQDRVLSFRCQARIISGIHMQTSESTKSELVTVTESTGHHHHHH
;
_entity_poly.pdbx_strand_id   A,B
#
# COMPACT_ATOMS: atom_id res chain seq x y z
N SER A 4 -26.60 -14.95 -24.04
CA SER A 4 -25.93 -15.25 -22.78
C SER A 4 -24.44 -14.93 -22.93
N PHE A 5 -23.64 -15.22 -21.90
CA PHE A 5 -22.23 -14.83 -21.84
C PHE A 5 -21.31 -16.03 -21.69
N THR A 6 -20.03 -15.81 -21.99
CA THR A 6 -18.99 -16.82 -21.73
C THR A 6 -17.68 -16.15 -21.39
N ILE A 7 -17.20 -16.31 -20.16
CA ILE A 7 -15.84 -15.94 -19.82
C ILE A 7 -14.95 -16.99 -20.45
N ASN A 8 -14.51 -16.74 -21.66
CA ASN A 8 -13.61 -17.68 -22.31
C ASN A 8 -12.35 -17.85 -21.47
N SER A 9 -11.57 -16.77 -21.36
CA SER A 9 -10.26 -16.84 -20.72
C SER A 9 -9.82 -15.42 -20.35
N VAL A 10 -8.76 -15.35 -19.54
CA VAL A 10 -8.28 -14.10 -18.94
C VAL A 10 -6.75 -14.09 -18.87
N ASP A 11 -6.17 -12.93 -19.13
CA ASP A 11 -4.72 -12.76 -19.12
C ASP A 11 -4.33 -11.60 -18.23
N MET A 12 -3.03 -11.41 -18.14
CA MET A 12 -2.48 -10.27 -17.44
C MET A 12 -1.16 -9.96 -18.14
N LYS A 13 -1.20 -9.05 -19.09
CA LYS A 13 0.01 -8.63 -19.77
C LYS A 13 0.79 -7.64 -18.89
N SER A 14 2.09 -7.57 -19.12
CA SER A 14 2.94 -6.63 -18.41
C SER A 14 3.78 -5.87 -19.42
N LEU A 15 3.68 -4.55 -19.37
CA LEU A 15 4.41 -3.69 -20.27
C LEU A 15 5.39 -2.92 -19.43
N PRO A 16 6.69 -3.00 -19.75
CA PRO A 16 7.29 -3.63 -20.94
C PRO A 16 7.57 -5.13 -20.83
N ASP A 17 7.66 -5.66 -19.61
CA ASP A 17 7.94 -7.07 -19.41
C ASP A 17 7.63 -7.39 -17.96
N TRP A 18 7.60 -8.69 -17.67
CA TRP A 18 7.45 -9.13 -16.30
C TRP A 18 8.72 -8.96 -15.50
N THR A 19 9.82 -8.56 -16.14
CA THR A 19 11.02 -8.09 -15.48
C THR A 19 11.30 -6.67 -15.93
N VAL A 20 11.62 -5.79 -14.97
CA VAL A 20 11.63 -4.36 -15.21
C VAL A 20 12.79 -3.73 -14.45
N GLN A 21 13.46 -2.79 -15.10
CA GLN A 21 14.54 -2.08 -14.44
C GLN A 21 13.98 -1.10 -13.42
N ASN A 22 14.51 -1.16 -12.21
CA ASN A 22 14.18 -0.18 -11.20
C ASN A 22 14.26 1.21 -11.78
N GLY A 23 13.21 1.98 -11.56
CA GLY A 23 13.14 3.37 -11.98
C GLY A 23 12.21 3.62 -13.13
N LYS A 24 11.95 2.60 -13.95
CA LYS A 24 11.11 2.84 -15.10
C LYS A 24 9.64 2.89 -14.69
N GLN A 25 8.81 3.20 -15.67
CA GLN A 25 7.36 3.15 -15.55
C GLN A 25 6.89 1.76 -15.97
N LEU A 26 5.78 1.31 -15.38
CA LEU A 26 5.29 -0.02 -15.68
C LEU A 26 3.77 -0.02 -15.71
N THR A 27 3.23 -0.81 -16.62
CA THR A 27 1.80 -0.91 -16.81
C THR A 27 1.39 -2.37 -16.66
N LEU A 28 0.35 -2.61 -15.87
CA LEU A 28 -0.22 -3.93 -15.69
C LEU A 28 -1.56 -3.96 -16.38
N GLN A 29 -1.78 -4.97 -17.20
CA GLN A 29 -3.03 -5.10 -17.91
C GLN A 29 -3.77 -6.34 -17.43
N CYS A 30 -5.10 -6.27 -17.53
CA CYS A 30 -5.95 -7.43 -17.30
C CYS A 30 -6.83 -7.61 -18.53
N PHE A 31 -6.54 -8.62 -19.33
CA PHE A 31 -7.35 -8.85 -20.49
C PHE A 31 -8.45 -9.85 -20.16
N ALA A 32 -9.57 -9.76 -20.90
CA ALA A 32 -10.63 -10.76 -20.77
C ALA A 32 -11.30 -11.01 -22.12
N ASP A 33 -11.40 -12.28 -22.51
CA ASP A 33 -12.12 -12.65 -23.71
C ASP A 33 -13.56 -13.03 -23.36
N VAL A 34 -14.52 -12.30 -23.92
CA VAL A 34 -15.93 -12.49 -23.58
C VAL A 34 -16.73 -12.72 -24.86
N SER A 35 -17.53 -13.79 -24.87
CA SER A 35 -18.45 -14.05 -25.98
C SER A 35 -19.88 -13.72 -25.58
N THR A 36 -20.60 -13.09 -26.50
CA THR A 36 -21.90 -12.51 -26.21
C THR A 36 -22.77 -12.52 -27.44
N THR A 37 -24.08 -12.61 -27.19
CA THR A 37 -25.10 -12.48 -28.22
C THR A 37 -25.76 -11.11 -28.09
N SER A 38 -25.09 -10.09 -28.60
CA SER A 38 -25.56 -8.70 -28.54
C SER A 38 -25.95 -8.26 -27.11
N LYS A 41 -23.79 -6.06 -25.20
CA LYS A 41 -22.42 -5.65 -24.87
C LYS A 41 -22.22 -5.55 -23.35
N PRO A 42 -21.15 -6.22 -22.82
CA PRO A 42 -21.05 -6.45 -21.37
C PRO A 42 -20.23 -5.47 -20.55
N GLN A 43 -20.57 -5.34 -19.26
CA GLN A 43 -19.74 -4.59 -18.32
C GLN A 43 -18.91 -5.57 -17.50
N HIS A 44 -17.63 -5.26 -17.35
CA HIS A 44 -16.68 -6.06 -16.59
C HIS A 44 -16.43 -5.40 -15.25
N GLN A 45 -16.03 -6.22 -14.28
CA GLN A 45 -15.48 -5.71 -13.03
C GLN A 45 -14.17 -6.46 -12.87
N MET A 46 -13.08 -5.73 -12.69
CA MET A 46 -11.77 -6.33 -12.58
C MET A 46 -11.09 -5.95 -11.27
N LEU A 47 -10.44 -6.94 -10.64
CA LEU A 47 -9.77 -6.75 -9.37
C LEU A 47 -8.32 -7.22 -9.47
N PHE A 48 -7.38 -6.29 -9.26
CA PHE A 48 -5.95 -6.61 -9.29
C PHE A 48 -5.46 -6.95 -7.89
N TYR A 49 -4.89 -8.13 -7.74
CA TYR A 49 -4.26 -8.52 -6.48
C TYR A 49 -2.75 -8.52 -6.65
N LYS A 50 -2.08 -8.17 -5.55
CA LYS A 50 -0.64 -8.39 -5.41
C LYS A 50 -0.49 -9.27 -4.17
N ASP A 51 -0.01 -10.50 -4.38
CA ASP A 51 0.15 -11.43 -3.27
C ASP A 51 -1.19 -11.67 -2.60
N ASP A 52 -2.21 -11.81 -3.44
CA ASP A 52 -3.57 -12.05 -2.96
C ASP A 52 -4.04 -10.94 -2.03
N VAL A 53 -3.56 -9.73 -2.24
CA VAL A 53 -4.15 -8.58 -1.59
C VAL A 53 -4.57 -7.61 -2.66
N LEU A 54 -5.84 -7.27 -2.61
CA LEU A 54 -6.43 -6.37 -3.57
C LEU A 54 -5.77 -5.01 -3.46
N PHE A 55 -5.44 -4.44 -4.62
CA PHE A 55 -4.89 -3.10 -4.66
C PHE A 55 -5.55 -2.17 -5.65
N TYR A 56 -6.29 -2.67 -6.64
CA TYR A 56 -6.99 -1.81 -7.59
C TYR A 56 -8.28 -2.48 -8.04
N GLN A 57 -9.28 -1.66 -8.33
CA GLN A 57 -10.62 -2.10 -8.68
C GLN A 57 -11.17 -1.21 -9.79
N ILE A 58 -11.73 -1.81 -10.84
CA ILE A 58 -12.29 -1.01 -11.92
C ILE A 58 -13.41 -1.78 -12.61
N SER A 59 -14.52 -1.10 -12.90
CA SER A 59 -15.59 -1.70 -13.68
C SER A 59 -15.74 -0.93 -14.98
N SER A 60 -15.57 -1.61 -16.09
CA SER A 60 -15.47 -0.96 -17.38
C SER A 60 -16.21 -1.76 -18.43
N MET A 61 -16.33 -1.14 -19.59
CA MET A 61 -16.88 -1.84 -20.72
C MET A 61 -15.81 -2.49 -21.56
N LYS A 62 -14.55 -2.11 -21.38
CA LYS A 62 -13.46 -2.61 -22.22
C LYS A 62 -12.87 -3.89 -21.65
N SER A 63 -12.30 -4.68 -22.56
CA SER A 63 -11.81 -6.01 -22.21
C SER A 63 -10.39 -5.98 -21.65
N THR A 64 -9.62 -4.94 -21.93
CA THR A 64 -8.28 -4.78 -21.39
C THR A 64 -8.30 -3.59 -20.46
N GLU A 65 -7.88 -3.81 -19.21
CA GLU A 65 -7.85 -2.73 -18.23
C GLU A 65 -6.45 -2.64 -17.66
N SER A 66 -6.01 -1.43 -17.37
CA SER A 66 -4.61 -1.19 -17.12
C SER A 66 -4.41 -0.44 -15.81
N TYR A 67 -3.20 -0.60 -15.27
CA TYR A 67 -2.80 0.00 -13.99
C TYR A 67 -1.41 0.56 -14.18
N PHE A 68 -1.25 1.86 -13.95
CA PHE A 68 -0.01 2.53 -14.31
C PHE A 68 0.85 2.79 -13.08
N ILE A 69 2.10 2.37 -13.15
CA ILE A 69 3.09 2.68 -12.12
C ILE A 69 4.12 3.61 -12.73
N PRO A 70 4.17 4.89 -12.34
CA PRO A 70 5.16 5.76 -12.95
C PRO A 70 6.58 5.36 -12.56
N GLU A 71 6.78 4.92 -11.31
CA GLU A 71 8.13 4.61 -10.84
C GLU A 71 8.17 3.26 -10.15
N VAL A 72 8.61 2.24 -10.89
CA VAL A 72 8.69 0.91 -10.32
C VAL A 72 9.73 0.90 -9.22
N ARG A 73 9.47 0.13 -8.17
CA ARG A 73 10.41 -0.09 -7.09
C ARG A 73 10.39 -1.56 -6.69
N ILE A 74 11.48 -2.01 -6.05
CA ILE A 74 11.53 -3.41 -5.63
C ILE A 74 10.37 -3.79 -4.72
N TYR A 75 9.85 -2.84 -3.93
CA TYR A 75 8.70 -3.16 -3.08
C TYR A 75 7.49 -3.53 -3.93
N ASP A 76 7.42 -3.03 -5.16
CA ASP A 76 6.38 -3.44 -6.09
C ASP A 76 6.57 -4.85 -6.60
N SER A 77 7.72 -5.47 -6.38
CA SER A 77 7.99 -6.77 -6.97
C SER A 77 7.23 -7.82 -6.16
N GLY A 78 6.63 -8.79 -6.86
CA GLY A 78 5.80 -9.77 -6.17
C GLY A 78 4.96 -10.61 -7.13
N THR A 79 3.90 -11.23 -6.56
CA THR A 79 2.98 -12.11 -7.28
C THR A 79 1.68 -11.39 -7.61
N TYR A 80 1.32 -11.38 -8.90
CA TYR A 80 0.18 -10.62 -9.39
C TYR A 80 -0.83 -11.55 -10.05
N LYS A 81 -2.10 -11.41 -9.67
CA LYS A 81 -3.21 -12.05 -10.34
C LYS A 81 -4.34 -11.04 -10.43
N CYS A 82 -5.23 -11.24 -11.39
CA CYS A 82 -6.35 -10.36 -11.66
C CYS A 82 -7.61 -11.18 -11.92
N THR A 83 -8.71 -10.86 -11.23
CA THR A 83 -9.99 -11.57 -11.36
C THR A 83 -11.02 -10.71 -12.10
N VAL A 84 -11.74 -11.32 -13.04
CA VAL A 84 -12.72 -10.58 -13.83
C VAL A 84 -14.11 -11.19 -13.63
N ILE A 85 -15.08 -10.33 -13.34
CA ILE A 85 -16.46 -10.72 -13.10
C ILE A 85 -17.30 -10.17 -14.24
N VAL A 86 -18.13 -11.02 -14.82
CA VAL A 86 -19.15 -10.50 -15.73
C VAL A 86 -20.46 -11.18 -15.41
N ASN A 87 -21.50 -10.37 -15.21
CA ASN A 87 -22.82 -10.90 -14.85
C ASN A 87 -22.69 -11.95 -13.74
N ASN A 88 -21.90 -11.62 -12.74
CA ASN A 88 -21.64 -12.48 -11.58
C ASN A 88 -21.19 -13.89 -12.00
N LYS A 89 -20.29 -13.95 -12.97
CA LYS A 89 -19.52 -15.16 -13.26
C LYS A 89 -18.05 -14.79 -13.18
N GLU A 90 -17.24 -15.67 -12.61
CA GLU A 90 -15.83 -15.41 -12.35
C GLU A 90 -14.90 -16.20 -13.26
N LYS A 91 -13.63 -15.81 -13.19
CA LYS A 91 -12.49 -16.57 -13.69
C LYS A 91 -11.25 -15.78 -13.31
N THR A 92 -10.17 -16.46 -12.95
CA THR A 92 -9.01 -15.81 -12.36
C THR A 92 -7.75 -16.13 -13.17
N THR A 93 -6.95 -15.11 -13.44
CA THR A 93 -5.72 -15.30 -14.19
C THR A 93 -4.81 -16.29 -13.47
N ALA A 94 -3.87 -16.85 -14.23
CA ALA A 94 -2.77 -17.52 -13.57
C ALA A 94 -2.00 -16.51 -12.73
N GLU A 95 -1.11 -17.00 -11.86
CA GLU A 95 -0.25 -16.10 -11.11
C GLU A 95 0.85 -15.56 -12.01
N TYR A 96 1.21 -14.27 -11.83
CA TYR A 96 2.31 -13.66 -12.57
C TYR A 96 3.31 -13.05 -11.61
N GLN A 97 4.59 -13.31 -11.82
CA GLN A 97 5.64 -12.85 -10.94
C GLN A 97 6.33 -11.67 -11.58
N LEU A 98 6.12 -10.48 -11.03
CA LEU A 98 6.81 -9.28 -11.47
C LEU A 98 8.12 -9.14 -10.72
N LEU A 99 9.19 -8.88 -11.47
CA LEU A 99 10.57 -8.85 -10.98
C LEU A 99 11.18 -7.49 -11.24
N VAL A 100 11.60 -6.80 -10.19
CA VAL A 100 12.23 -5.49 -10.34
C VAL A 100 13.71 -5.64 -10.09
N GLU A 101 14.53 -5.06 -10.97
CA GLU A 101 15.98 -5.22 -10.94
C GLU A 101 16.66 -3.88 -10.76
N GLY A 102 17.73 -3.88 -9.99
CA GLY A 102 18.54 -2.68 -9.79
C GLY A 102 18.12 -1.88 -8.57
N VAL A 103 19.09 -1.15 -8.02
CA VAL A 103 18.84 -0.26 -6.89
C VAL A 103 19.31 1.13 -7.29
N PRO A 104 18.55 2.17 -6.97
CA PRO A 104 19.03 3.53 -7.25
C PRO A 104 20.26 3.84 -6.43
N SER A 105 21.08 4.74 -6.96
CA SER A 105 22.23 5.22 -6.21
C SER A 105 21.77 5.84 -4.90
N PRO A 106 22.47 5.58 -3.80
CA PRO A 106 22.03 6.04 -2.49
C PRO A 106 22.54 7.44 -2.13
N ARG A 107 22.00 7.96 -1.03
CA ARG A 107 22.21 9.34 -0.61
C ARG A 107 22.98 9.39 0.69
N VAL A 108 24.17 9.94 0.62
CA VAL A 108 25.07 10.03 1.76
C VAL A 108 25.00 11.43 2.35
N THR A 109 25.13 11.53 3.66
CA THR A 109 24.94 12.82 4.31
C THR A 109 25.82 12.88 5.54
N LEU A 110 26.46 14.03 5.76
CA LEU A 110 27.46 14.16 6.80
C LEU A 110 27.08 15.35 7.68
N ASP A 111 27.09 15.14 9.00
CA ASP A 111 26.70 16.21 9.90
C ASP A 111 27.72 17.34 9.89
N LYS A 112 28.96 17.02 9.62
CA LYS A 112 30.06 17.98 9.56
C LYS A 112 30.59 18.01 8.14
N LYS A 113 31.18 19.14 7.74
CA LYS A 113 32.02 19.15 6.55
C LYS A 113 33.47 19.52 6.89
N GLU A 114 33.73 19.93 8.14
CA GLU A 114 35.05 20.22 8.67
C GLU A 114 35.04 19.61 10.07
N ALA A 115 35.95 18.67 10.36
CA ALA A 115 35.95 17.96 11.63
C ALA A 115 37.32 18.01 12.31
N ILE A 116 37.31 17.87 13.64
CA ILE A 116 38.54 17.89 14.42
C ILE A 116 39.01 16.48 14.76
N GLN A 117 40.18 16.39 15.38
CA GLN A 117 40.77 15.08 15.57
C GLN A 117 40.17 14.41 16.78
N GLY A 118 40.26 13.08 16.81
CA GLY A 118 39.62 12.32 17.86
C GLY A 118 38.10 12.39 17.85
N GLY A 119 37.54 13.43 17.25
CA GLY A 119 36.10 13.59 17.28
C GLY A 119 35.38 12.59 16.41
N ILE A 120 34.10 12.85 16.16
CA ILE A 120 33.26 11.90 15.44
C ILE A 120 32.55 12.61 14.29
N VAL A 121 32.05 11.81 13.36
CA VAL A 121 31.31 12.33 12.21
C VAL A 121 30.17 11.35 11.89
N ARG A 122 28.94 11.77 12.17
CA ARG A 122 27.81 10.90 11.87
C ARG A 122 27.55 10.91 10.37
N VAL A 123 27.54 9.72 9.77
CA VAL A 123 27.34 9.56 8.35
C VAL A 123 26.03 8.83 8.13
N GLN A 124 25.14 9.44 7.37
CA GLN A 124 23.90 8.78 6.97
C GLN A 124 24.02 8.22 5.57
N CYS A 125 23.43 7.05 5.33
CA CYS A 125 23.24 6.56 3.98
C CYS A 125 21.81 6.05 3.85
N SER A 126 20.99 6.71 3.01
CA SER A 126 19.59 6.34 2.82
C SER A 126 19.30 6.05 1.35
N VAL A 127 18.42 5.09 1.09
CA VAL A 127 17.90 4.90 -0.26
C VAL A 127 16.46 5.38 -0.19
N PRO A 128 16.24 6.67 -0.36
CA PRO A 128 14.94 7.24 -0.01
C PRO A 128 13.80 6.70 -0.84
N GLU A 129 14.04 6.30 -2.09
CA GLU A 129 12.98 5.86 -2.97
C GLU A 129 12.61 4.37 -2.79
N GLU A 130 13.14 3.71 -1.76
CA GLU A 130 12.88 2.29 -1.52
C GLU A 130 12.54 2.06 -0.04
N LYS A 131 11.92 0.91 0.22
CA LYS A 131 11.47 0.54 1.55
C LYS A 131 12.39 -0.53 2.09
N ALA A 132 12.44 -0.64 3.43
CA ALA A 132 13.22 -1.70 4.09
C ALA A 132 12.82 -3.08 3.54
N PRO A 133 13.70 -4.08 3.65
CA PRO A 133 15.00 -4.23 4.31
C PRO A 133 16.17 -4.05 3.36
N ILE A 134 17.18 -3.31 3.80
CA ILE A 134 18.29 -2.95 2.92
C ILE A 134 19.60 -3.17 3.64
N HIS A 135 20.54 -3.80 2.94
CA HIS A 135 21.89 -4.04 3.44
C HIS A 135 22.79 -2.95 2.88
N PHE A 136 23.64 -2.39 3.73
CA PHE A 136 24.51 -1.30 3.35
C PHE A 136 25.97 -1.74 3.49
N THR A 137 26.85 -1.09 2.73
CA THR A 137 28.30 -1.21 2.90
C THR A 137 28.88 0.19 2.82
N ILE A 138 29.67 0.56 3.81
CA ILE A 138 30.15 1.93 3.98
C ILE A 138 31.65 1.91 4.15
N GLU A 139 32.37 2.45 3.18
CA GLU A 139 33.82 2.54 3.28
C GLU A 139 34.22 3.95 3.70
N LYS A 140 35.13 4.04 4.66
CA LYS A 140 35.77 5.30 4.99
C LYS A 140 37.00 5.44 4.13
N LEU A 141 37.00 6.43 3.26
CA LEU A 141 38.05 6.58 2.29
C LEU A 141 38.95 7.73 2.72
N GLU A 142 40.20 7.66 2.27
CA GLU A 142 41.26 8.58 2.67
C GLU A 142 41.95 9.08 1.43
N LEU A 143 41.98 10.39 1.27
CA LEU A 143 42.45 11.05 0.06
C LEU A 143 43.98 11.25 -0.01
N ASN A 144 44.60 11.82 1.03
CA ASN A 144 46.05 12.06 1.00
C ASN A 144 46.86 10.76 0.96
N GLU A 145 46.18 9.61 0.99
CA GLU A 145 46.86 8.31 1.01
C GLU A 145 46.28 7.30 0.02
N LYS A 146 45.08 7.53 -0.53
CA LYS A 146 44.55 6.70 -1.61
C LYS A 146 44.26 5.27 -1.15
N MET A 147 43.81 5.10 0.11
CA MET A 147 43.60 3.78 0.70
C MET A 147 42.32 3.75 1.54
N VAL A 148 41.59 2.63 1.49
CA VAL A 148 40.36 2.46 2.27
C VAL A 148 40.75 2.14 3.71
N LYS A 149 40.51 3.08 4.62
CA LYS A 149 40.90 2.83 6.00
C LYS A 149 39.98 1.84 6.70
N LEU A 150 38.73 1.73 6.26
CA LEU A 150 37.73 1.15 7.14
C LEU A 150 36.46 0.86 6.38
N LYS A 151 35.89 -0.31 6.60
CA LYS A 151 34.64 -0.70 5.98
C LYS A 151 33.67 -1.16 7.07
N ARG A 152 32.41 -0.80 6.91
CA ARG A 152 31.34 -1.27 7.80
C ARG A 152 30.27 -1.91 6.95
N GLU A 153 29.93 -3.15 7.26
CA GLU A 153 28.70 -3.70 6.73
C GLU A 153 27.62 -3.34 7.73
N LYS A 154 26.39 -3.22 7.24
CA LYS A 154 25.24 -3.01 8.12
C LYS A 154 23.96 -3.47 7.44
N ASN A 155 23.15 -4.19 8.20
CA ASN A 155 21.84 -4.67 7.77
C ASN A 155 20.79 -3.78 8.41
N SER A 156 19.83 -3.32 7.61
CA SER A 156 18.82 -2.40 8.12
C SER A 156 17.46 -3.05 7.98
N ARG A 157 16.96 -3.57 9.11
CA ARG A 157 15.75 -4.36 9.11
C ARG A 157 14.50 -3.49 9.04
N ASP A 158 14.32 -2.61 10.02
CA ASP A 158 13.13 -1.76 10.09
C ASP A 158 13.23 -0.49 9.22
N GLN A 159 14.42 -0.05 8.80
CA GLN A 159 14.55 1.26 8.19
C GLN A 159 15.13 1.14 6.80
N ASN A 160 15.01 2.22 6.01
CA ASN A 160 15.66 2.31 4.71
C ASN A 160 16.83 3.29 4.77
N PHE A 161 17.51 3.31 5.90
CA PHE A 161 18.65 4.20 6.05
C PHE A 161 19.36 3.87 7.34
N VAL A 162 20.60 4.35 7.45
CA VAL A 162 21.45 4.15 8.61
C VAL A 162 22.25 5.41 8.90
N ILE A 163 22.51 5.64 10.17
CA ILE A 163 23.37 6.72 10.64
C ILE A 163 24.46 6.05 11.46
N LEU A 164 25.69 6.09 10.97
CA LEU A 164 26.81 5.51 11.67
C LEU A 164 27.70 6.61 12.22
N GLU A 165 28.19 6.42 13.45
CA GLU A 165 29.22 7.31 13.97
C GLU A 165 30.58 6.82 13.49
N PHE A 166 31.44 7.78 13.15
CA PHE A 166 32.78 7.47 12.68
C PHE A 166 33.79 8.31 13.43
N PRO A 167 34.89 7.72 13.87
CA PRO A 167 35.88 8.46 14.63
C PRO A 167 36.87 9.12 13.69
N VAL A 168 37.35 10.29 14.10
CA VAL A 168 38.41 11.02 13.41
C VAL A 168 39.74 10.60 14.03
N GLU A 169 40.41 9.63 13.42
CA GLU A 169 41.70 9.25 13.95
C GLU A 169 42.75 10.30 13.62
N GLU A 170 43.74 10.41 14.49
CA GLU A 170 44.81 11.38 14.27
C GLU A 170 45.61 11.04 13.04
N GLN A 171 45.13 10.07 12.25
CA GLN A 171 45.90 9.61 11.11
C GLN A 171 45.76 10.51 9.90
N ASP A 172 44.62 11.15 9.67
CA ASP A 172 44.56 11.98 8.48
C ASP A 172 43.67 13.21 8.65
N ARG A 173 43.61 13.98 7.56
CA ARG A 173 42.94 15.27 7.51
C ARG A 173 41.96 15.45 6.35
N VAL A 174 41.97 14.63 5.30
CA VAL A 174 41.07 14.81 4.14
C VAL A 174 40.41 13.49 3.77
N LEU A 175 39.11 13.39 3.96
CA LEU A 175 38.52 12.09 3.68
C LEU A 175 37.04 12.18 3.35
N SER A 176 36.57 11.13 2.68
CA SER A 176 35.17 11.00 2.28
C SER A 176 34.71 9.59 2.59
N PHE A 177 33.39 9.38 2.56
CA PHE A 177 32.79 8.06 2.75
C PHE A 177 31.95 7.69 1.55
N ARG A 178 32.03 6.42 1.14
CA ARG A 178 31.26 5.93 0.01
C ARG A 178 30.46 4.70 0.41
N CYS A 179 29.27 4.60 -0.16
CA CYS A 179 28.23 3.71 0.30
C CYS A 179 27.62 2.95 -0.87
N GLN A 180 27.01 1.81 -0.56
CA GLN A 180 26.48 0.95 -1.62
C GLN A 180 25.46 0.04 -0.99
N ALA A 181 24.27 -0.04 -1.56
CA ALA A 181 23.15 -0.73 -0.93
C ALA A 181 22.72 -1.97 -1.71
N ARG A 182 22.08 -2.92 -1.00
CA ARG A 182 21.58 -4.16 -1.59
C ARG A 182 20.16 -4.46 -1.15
N ILE A 183 19.33 -4.97 -2.08
CA ILE A 183 17.96 -5.39 -1.83
C ILE A 183 17.67 -6.63 -2.67
N ILE A 184 16.65 -7.39 -2.26
CA ILE A 184 16.35 -8.69 -2.86
C ILE A 184 15.13 -8.58 -3.74
N SER A 185 15.03 -9.47 -4.74
CA SER A 185 13.83 -9.65 -5.56
C SER A 185 13.51 -11.12 -5.86
N GLY A 186 14.03 -12.08 -5.11
CA GLY A 186 14.22 -13.45 -5.55
C GLY A 186 15.66 -13.86 -5.80
N ILE A 187 16.49 -12.98 -6.40
CA ILE A 187 17.93 -12.99 -6.14
C ILE A 187 18.21 -11.55 -5.74
N HIS A 188 19.47 -11.15 -5.74
CA HIS A 188 19.94 -9.97 -5.03
C HIS A 188 20.38 -8.87 -5.99
N MET A 189 20.23 -7.61 -5.54
CA MET A 189 20.44 -6.41 -6.36
C MET A 189 21.37 -5.42 -5.66
N GLN A 190 22.25 -4.78 -6.44
CA GLN A 190 23.26 -3.85 -5.92
C GLN A 190 23.21 -2.52 -6.66
N THR A 191 23.89 -1.50 -6.12
CA THR A 191 23.80 -0.15 -6.65
C THR A 191 25.11 0.23 -7.32
N SER A 192 25.21 1.53 -7.61
CA SER A 192 26.46 2.22 -7.77
C SER A 192 26.79 2.92 -6.45
N GLU A 193 28.01 3.45 -6.32
CA GLU A 193 28.50 4.07 -5.09
C GLU A 193 27.99 5.50 -4.92
N SER A 194 28.40 6.17 -3.84
CA SER A 194 28.07 7.58 -3.58
C SER A 194 29.06 8.11 -2.54
N THR A 195 29.31 9.43 -2.55
CA THR A 195 30.37 9.98 -1.72
C THR A 195 30.11 11.45 -1.39
N LYS A 196 30.65 11.95 -0.26
CA LYS A 196 30.87 13.40 -0.14
C LYS A 196 32.11 13.72 0.67
N SER A 197 32.85 14.74 0.24
CA SER A 197 34.16 15.13 0.75
C SER A 197 34.07 16.09 1.92
N GLU A 198 35.15 16.10 2.74
CA GLU A 198 35.26 16.96 3.91
C GLU A 198 36.61 16.73 4.61
N LEU A 199 37.00 17.67 5.48
CA LEU A 199 38.41 17.81 5.91
C LEU A 199 38.55 17.90 7.42
N VAL A 200 39.80 17.76 7.91
CA VAL A 200 40.09 17.55 9.33
C VAL A 200 41.20 18.48 9.81
N THR A 201 41.11 18.89 11.08
CA THR A 201 42.17 19.63 11.75
C THR A 201 42.59 18.88 13.02
N SER B 4 25.29 22.91 15.26
CA SER B 4 24.79 22.36 16.52
C SER B 4 23.27 22.45 16.62
N PHE B 5 22.60 21.31 16.50
CA PHE B 5 21.14 21.23 16.50
C PHE B 5 20.66 20.36 17.65
N THR B 6 19.37 20.52 18.03
CA THR B 6 18.74 19.64 19.02
C THR B 6 17.27 19.47 18.70
N ILE B 7 16.87 18.24 18.40
CA ILE B 7 15.47 17.89 18.26
C ILE B 7 14.85 17.85 19.65
N ASN B 8 14.19 18.94 20.02
CA ASN B 8 13.49 18.99 21.31
C ASN B 8 12.50 17.83 21.41
N SER B 9 11.50 17.78 20.53
CA SER B 9 10.44 16.78 20.60
C SER B 9 9.75 16.66 19.26
N VAL B 10 8.95 15.60 19.11
CA VAL B 10 8.20 15.34 17.88
C VAL B 10 6.87 14.71 18.23
N ASP B 11 5.83 15.13 17.54
CA ASP B 11 4.47 14.66 17.74
C ASP B 11 3.88 14.24 16.39
N MET B 12 2.64 13.75 16.42
CA MET B 12 1.96 13.35 15.20
C MET B 12 0.45 13.57 15.35
N LYS B 13 -0.02 14.77 14.99
CA LYS B 13 -1.44 15.10 15.10
C LYS B 13 -2.26 14.46 13.97
N SER B 14 -3.56 14.32 14.23
CA SER B 14 -4.49 13.77 13.26
C SER B 14 -5.71 14.66 13.10
N LEU B 15 -6.03 14.97 11.85
CA LEU B 15 -7.18 15.81 11.53
C LEU B 15 -8.30 15.08 10.79
N PRO B 16 -9.52 15.09 11.37
CA PRO B 16 -10.01 15.86 12.52
C PRO B 16 -9.75 15.25 13.86
N ASP B 17 -9.49 13.97 13.90
CA ASP B 17 -9.25 13.33 15.17
C ASP B 17 -8.62 11.98 14.89
N TRP B 18 -8.08 11.37 15.93
CA TRP B 18 -7.56 10.02 15.79
C TRP B 18 -8.65 8.98 15.64
N THR B 19 -9.91 9.35 15.74
CA THR B 19 -11.01 8.50 15.35
C THR B 19 -11.82 9.21 14.28
N VAL B 20 -12.23 8.47 13.24
CA VAL B 20 -12.73 9.05 12.00
C VAL B 20 -13.83 8.17 11.39
N GLN B 21 -14.85 8.81 10.83
CA GLN B 21 -15.88 8.11 10.05
C GLN B 21 -15.32 7.66 8.71
N ASN B 22 -15.59 6.41 8.38
CA ASN B 22 -15.29 5.88 7.05
C ASN B 22 -15.79 6.81 5.94
N GLY B 23 -14.90 7.12 4.99
CA GLY B 23 -15.27 7.89 3.82
C GLY B 23 -14.76 9.32 3.84
N LYS B 24 -14.48 9.87 5.01
CA LYS B 24 -14.06 11.26 5.08
C LYS B 24 -12.58 11.43 4.74
N GLN B 25 -12.17 12.68 4.63
CA GLN B 25 -10.79 13.05 4.40
C GLN B 25 -10.07 13.12 5.73
N LEU B 26 -8.78 12.79 5.70
CA LEU B 26 -8.02 12.75 6.94
C LEU B 26 -6.61 13.26 6.68
N THR B 27 -6.09 14.00 7.64
CA THR B 27 -4.75 14.56 7.54
C THR B 27 -3.89 14.10 8.70
N LEU B 28 -2.73 13.56 8.38
CA LEU B 28 -1.73 13.20 9.37
C LEU B 28 -0.59 14.18 9.28
N GLN B 29 -0.22 14.75 10.42
CA GLN B 29 0.86 15.71 10.45
C GLN B 29 2.01 15.13 11.25
N CYS B 30 3.24 15.51 10.91
CA CYS B 30 4.40 15.12 11.69
C CYS B 30 5.12 16.40 12.11
N PHE B 31 4.99 16.79 13.38
CA PHE B 31 5.63 17.99 13.87
C PHE B 31 6.92 17.64 14.60
N ALA B 32 7.84 18.60 14.63
CA ALA B 32 9.10 18.51 15.36
C ALA B 32 9.47 19.86 15.97
N ASP B 33 9.84 19.86 17.24
CA ASP B 33 10.35 21.04 17.90
C ASP B 33 11.86 21.09 17.72
N VAL B 34 12.37 22.16 17.11
CA VAL B 34 13.79 22.23 16.81
C VAL B 34 14.35 23.47 17.47
N SER B 35 15.35 23.27 18.33
CA SER B 35 16.14 24.35 18.90
C SER B 35 17.54 24.26 18.33
N THR B 36 18.10 25.42 17.97
CA THR B 36 19.41 25.42 17.32
C THR B 36 20.10 26.76 17.54
N THR B 37 21.42 26.72 17.63
CA THR B 37 22.26 27.90 17.68
C THR B 37 22.87 28.06 16.28
N SER B 38 22.17 28.80 15.42
CA SER B 38 22.66 29.12 14.07
C SER B 38 21.88 30.29 13.48
N VAL B 40 20.35 30.27 9.99
CA VAL B 40 20.45 28.97 9.32
C VAL B 40 19.23 28.11 9.64
N LYS B 41 18.26 28.07 8.73
CA LYS B 41 17.08 27.21 8.88
C LYS B 41 17.41 25.77 8.47
N PRO B 42 17.02 24.77 9.25
CA PRO B 42 17.51 23.42 9.04
C PRO B 42 16.63 22.63 8.09
N GLN B 43 17.22 21.57 7.53
CA GLN B 43 16.47 20.66 6.68
C GLN B 43 16.02 19.45 7.47
N HIS B 44 14.75 19.10 7.29
CA HIS B 44 14.14 17.94 7.92
C HIS B 44 13.93 16.80 6.91
N GLN B 45 13.95 15.59 7.43
CA GLN B 45 13.53 14.40 6.70
C GLN B 45 12.53 13.71 7.60
N MET B 46 11.32 13.46 7.11
CA MET B 46 10.30 12.85 7.94
C MET B 46 9.81 11.55 7.33
N LEU B 47 9.63 10.56 8.17
CA LEU B 47 9.24 9.24 7.71
C LEU B 47 7.96 8.83 8.41
N PHE B 48 6.90 8.65 7.64
CA PHE B 48 5.61 8.21 8.13
C PHE B 48 5.51 6.70 8.02
N TYR B 49 5.36 6.02 9.16
CA TYR B 49 5.19 4.57 9.23
C TYR B 49 3.76 4.19 9.61
N LYS B 50 3.31 3.05 9.08
CA LYS B 50 2.09 2.36 9.51
C LYS B 50 2.45 0.93 9.88
N ASP B 51 2.17 0.55 11.11
CA ASP B 51 2.44 -0.81 11.54
C ASP B 51 3.93 -1.11 11.41
N ASP B 52 4.73 -0.10 11.73
CA ASP B 52 6.17 -0.19 11.59
C ASP B 52 6.58 -0.53 10.17
N VAL B 53 5.76 -0.11 9.20
CA VAL B 53 6.11 -0.14 7.78
C VAL B 53 5.97 1.25 7.16
N LEU B 54 7.05 1.70 6.52
CA LEU B 54 7.12 3.04 5.94
C LEU B 54 6.14 3.23 4.79
N PHE B 55 5.45 4.37 4.76
CA PHE B 55 4.58 4.67 3.63
C PHE B 55 4.77 6.04 3.00
N TYR B 56 5.35 7.04 3.67
CA TYR B 56 5.59 8.36 3.08
C TYR B 56 6.91 8.92 3.59
N GLN B 57 7.60 9.66 2.73
CA GLN B 57 8.93 10.19 3.01
C GLN B 57 9.01 11.56 2.35
N ILE B 58 9.42 12.58 3.11
CA ILE B 58 9.46 13.95 2.60
C ILE B 58 10.56 14.70 3.32
N SER B 59 11.24 15.59 2.59
CA SER B 59 12.25 16.48 3.14
C SER B 59 11.81 17.93 2.97
N SER B 60 11.76 18.67 4.06
CA SER B 60 11.18 20.01 4.06
C SER B 60 12.05 20.93 4.87
N MET B 61 11.78 22.23 4.74
CA MET B 61 12.42 23.21 5.61
C MET B 61 11.53 23.64 6.76
N LYS B 62 10.22 23.44 6.66
CA LYS B 62 9.36 23.79 7.78
C LYS B 62 9.15 22.57 8.65
N SER B 63 8.73 22.83 9.88
CA SER B 63 8.69 21.83 10.93
C SER B 63 7.48 20.91 10.85
N THR B 64 6.44 21.27 10.12
CA THR B 64 5.22 20.47 10.00
C THR B 64 5.04 19.92 8.58
N GLU B 65 4.82 18.60 8.48
CA GLU B 65 4.54 17.99 7.19
C GLU B 65 3.29 17.11 7.26
N SER B 66 2.56 17.03 6.15
CA SER B 66 1.24 16.42 6.14
C SER B 66 1.07 15.36 5.05
N TYR B 67 0.12 14.48 5.32
CA TYR B 67 -0.24 13.37 4.47
C TYR B 67 -1.76 13.29 4.49
N PHE B 68 -2.37 13.36 3.32
CA PHE B 68 -3.81 13.47 3.18
C PHE B 68 -4.39 12.18 2.62
N ILE B 69 -5.39 11.63 3.31
CA ILE B 69 -6.17 10.50 2.81
C ILE B 69 -7.55 11.02 2.44
N PRO B 70 -7.91 11.05 1.16
CA PRO B 70 -9.16 11.69 0.77
C PRO B 70 -10.38 10.94 1.25
N GLU B 71 -10.36 9.62 1.21
CA GLU B 71 -11.49 8.82 1.71
C GLU B 71 -10.90 7.74 2.59
N VAL B 72 -11.01 7.94 3.91
CA VAL B 72 -10.50 6.96 4.84
C VAL B 72 -11.32 5.67 4.72
N ARG B 73 -10.64 4.55 4.86
CA ARG B 73 -11.29 3.25 4.85
C ARG B 73 -10.70 2.47 6.00
N ILE B 74 -11.43 1.48 6.52
CA ILE B 74 -10.88 0.74 7.66
C ILE B 74 -9.52 0.14 7.34
N TYR B 75 -9.24 -0.18 6.06
CA TYR B 75 -7.93 -0.74 5.74
C TYR B 75 -6.82 0.24 6.11
N ASP B 76 -7.11 1.53 6.09
CA ASP B 76 -6.17 2.55 6.54
C ASP B 76 -5.99 2.56 8.07
N SER B 77 -6.83 1.86 8.83
CA SER B 77 -6.79 1.93 10.28
C SER B 77 -5.63 1.10 10.81
N GLY B 78 -4.94 1.62 11.83
CA GLY B 78 -3.75 0.93 12.31
C GLY B 78 -2.95 1.79 13.27
N THR B 79 -1.69 1.38 13.45
CA THR B 79 -0.77 2.05 14.36
C THR B 79 0.15 2.95 13.55
N TYR B 80 0.16 4.22 13.89
CA TYR B 80 0.90 5.20 13.11
C TYR B 80 1.96 5.82 13.99
N LYS B 81 3.21 5.83 13.50
CA LYS B 81 4.33 6.54 14.10
C LYS B 81 5.12 7.22 12.99
N CYS B 82 5.79 8.31 13.34
CA CYS B 82 6.56 9.11 12.41
C CYS B 82 7.87 9.52 13.05
N THR B 83 8.99 9.26 12.37
CA THR B 83 10.31 9.65 12.85
C THR B 83 10.93 10.69 11.92
N VAL B 84 11.54 11.73 12.52
CA VAL B 84 12.08 12.88 11.79
C VAL B 84 13.57 13.01 12.04
N ILE B 85 14.32 13.27 10.96
CA ILE B 85 15.77 13.39 10.96
C ILE B 85 16.14 14.82 10.64
N VAL B 86 17.01 15.39 11.45
CA VAL B 86 17.64 16.65 11.16
C VAL B 86 19.12 16.52 11.45
N ASN B 87 19.95 16.90 10.48
CA ASN B 87 21.41 16.85 10.63
C ASN B 87 21.87 15.51 11.22
N ASN B 88 21.35 14.44 10.65
CA ASN B 88 21.67 13.07 11.04
C ASN B 88 21.55 12.87 12.56
N LYS B 89 20.44 13.38 13.11
CA LYS B 89 19.96 12.99 14.42
C LYS B 89 18.51 12.56 14.31
N GLU B 90 18.11 11.53 15.05
CA GLU B 90 16.79 10.95 14.96
C GLU B 90 15.94 11.34 16.15
N LYS B 91 14.67 11.03 16.03
CA LYS B 91 13.72 10.97 17.13
C LYS B 91 12.43 10.48 16.51
N THR B 92 11.70 9.65 17.24
CA THR B 92 10.53 8.96 16.72
C THR B 92 9.35 9.25 17.62
N THR B 93 8.21 9.58 17.02
CA THR B 93 7.00 9.83 17.79
C THR B 93 6.58 8.59 18.55
N ALA B 94 5.74 8.80 19.57
CA ALA B 94 5.02 7.68 20.12
C ALA B 94 4.15 7.03 19.05
N GLU B 95 3.65 5.85 19.36
CA GLU B 95 2.69 5.20 18.48
C GLU B 95 1.31 5.86 18.63
N TYR B 96 0.59 5.97 17.53
CA TYR B 96 -0.76 6.50 17.55
C TYR B 96 -1.71 5.50 16.91
N GLN B 97 -2.84 5.29 17.57
CA GLN B 97 -3.83 4.33 17.11
C GLN B 97 -4.97 5.07 16.46
N LEU B 98 -5.02 4.99 15.13
CA LEU B 98 -6.09 5.56 14.34
C LEU B 98 -7.20 4.53 14.17
N LEU B 99 -8.44 4.94 14.42
CA LEU B 99 -9.62 4.06 14.41
C LEU B 99 -10.65 4.60 13.43
N VAL B 100 -11.04 3.77 12.45
CA VAL B 100 -12.01 4.14 11.40
C VAL B 100 -13.33 3.46 11.70
N GLU B 101 -14.43 4.23 11.61
CA GLU B 101 -15.75 3.79 12.08
C GLU B 101 -16.77 3.74 10.95
N GLY B 102 -17.54 2.67 10.90
CA GLY B 102 -18.57 2.57 9.88
C GLY B 102 -18.10 1.87 8.62
N VAL B 103 -19.05 1.24 7.94
CA VAL B 103 -18.77 0.58 6.67
C VAL B 103 -19.70 1.18 5.63
N PRO B 104 -19.23 1.45 4.41
CA PRO B 104 -20.14 2.00 3.40
C PRO B 104 -21.26 1.02 3.11
N SER B 105 -22.38 1.55 2.66
CA SER B 105 -23.45 0.65 2.25
C SER B 105 -22.94 -0.23 1.11
N PRO B 106 -23.24 -1.52 1.14
CA PRO B 106 -22.69 -2.44 0.14
C PRO B 106 -23.52 -2.36 -1.12
N ARG B 107 -23.01 -3.00 -2.18
CA ARG B 107 -23.57 -2.92 -3.53
C ARG B 107 -24.01 -4.30 -3.97
N VAL B 108 -25.33 -4.46 -4.19
CA VAL B 108 -25.93 -5.74 -4.55
C VAL B 108 -26.18 -5.80 -6.04
N THR B 109 -26.03 -6.99 -6.61
CA THR B 109 -26.05 -7.16 -8.05
C THR B 109 -26.65 -8.52 -8.37
N LEU B 110 -27.50 -8.57 -9.39
CA LEU B 110 -28.26 -9.79 -9.65
C LEU B 110 -28.01 -10.18 -11.09
N ASP B 111 -27.69 -11.46 -11.31
CA ASP B 111 -27.41 -11.91 -12.66
C ASP B 111 -28.66 -11.86 -13.52
N LYS B 112 -29.83 -12.04 -12.92
CA LYS B 112 -31.10 -12.03 -13.63
C LYS B 112 -31.96 -10.87 -13.16
N LYS B 113 -32.81 -10.40 -14.06
CA LYS B 113 -33.91 -9.53 -13.70
C LYS B 113 -35.22 -10.26 -13.77
N GLU B 114 -35.21 -11.44 -14.38
CA GLU B 114 -36.33 -12.34 -14.53
C GLU B 114 -35.83 -13.76 -14.31
N ALA B 115 -36.46 -14.49 -13.40
CA ALA B 115 -36.09 -15.87 -13.13
C ALA B 115 -37.32 -16.76 -13.23
N ILE B 116 -37.10 -18.02 -13.57
CA ILE B 116 -38.17 -18.99 -13.67
C ILE B 116 -38.15 -19.86 -12.42
N GLN B 117 -39.23 -20.63 -12.18
CA GLN B 117 -39.34 -21.44 -10.97
C GLN B 117 -38.13 -22.38 -10.79
N GLY B 118 -37.90 -22.79 -9.54
CA GLY B 118 -36.91 -23.81 -9.25
C GLY B 118 -35.47 -23.43 -9.58
N GLY B 119 -35.28 -22.43 -10.45
CA GLY B 119 -33.96 -22.04 -10.89
C GLY B 119 -33.16 -21.27 -9.85
N ILE B 120 -32.08 -20.63 -10.29
CA ILE B 120 -31.12 -20.03 -9.38
C ILE B 120 -31.02 -18.54 -9.70
N VAL B 121 -30.48 -17.80 -8.73
CA VAL B 121 -30.22 -16.38 -8.92
C VAL B 121 -28.91 -16.08 -8.19
N ARG B 122 -27.85 -15.84 -8.96
CA ARG B 122 -26.58 -15.52 -8.36
C ARG B 122 -26.63 -14.08 -7.87
N VAL B 123 -26.34 -13.89 -6.59
CA VAL B 123 -26.41 -12.58 -5.96
C VAL B 123 -25.01 -12.17 -5.58
N GLN B 124 -24.57 -11.02 -6.06
CA GLN B 124 -23.32 -10.45 -5.59
C GLN B 124 -23.62 -9.39 -4.54
N CYS B 125 -22.80 -9.36 -3.50
CA CYS B 125 -22.78 -8.26 -2.56
C CYS B 125 -21.31 -7.87 -2.42
N SER B 126 -20.97 -6.64 -2.82
CA SER B 126 -19.61 -6.13 -2.79
C SER B 126 -19.53 -4.84 -1.99
N VAL B 127 -18.42 -4.65 -1.28
CA VAL B 127 -18.03 -3.36 -0.70
C VAL B 127 -16.77 -2.86 -1.39
N PRO B 128 -16.89 -2.19 -2.55
CA PRO B 128 -15.70 -1.94 -3.38
C PRO B 128 -14.69 -0.99 -2.73
N GLU B 129 -15.14 -0.06 -1.88
CA GLU B 129 -14.24 0.88 -1.20
C GLU B 129 -13.49 0.25 -0.05
N GLU B 130 -13.65 -1.03 0.22
CA GLU B 130 -12.94 -1.64 1.33
C GLU B 130 -12.28 -2.93 0.84
N LYS B 131 -11.29 -3.41 1.60
CA LYS B 131 -10.51 -4.61 1.27
C LYS B 131 -10.93 -5.73 2.19
N ALA B 132 -10.58 -6.96 1.82
CA ALA B 132 -10.83 -8.10 2.72
C ALA B 132 -10.22 -7.81 4.08
N PRO B 133 -10.73 -8.40 5.18
CA PRO B 133 -11.72 -9.46 5.38
C PRO B 133 -13.10 -8.94 5.75
N ILE B 134 -14.16 -9.44 5.12
CA ILE B 134 -15.50 -8.87 5.27
C ILE B 134 -16.51 -9.98 5.51
N HIS B 135 -17.40 -9.77 6.47
CA HIS B 135 -18.50 -10.69 6.72
C HIS B 135 -19.76 -10.15 6.08
N PHE B 136 -20.48 -11.01 5.36
CA PHE B 136 -21.68 -10.62 4.65
C PHE B 136 -22.90 -11.35 5.19
N THR B 137 -24.06 -10.73 5.04
CA THR B 137 -25.34 -11.38 5.30
C THR B 137 -26.31 -11.04 4.17
N ILE B 138 -26.91 -12.05 3.57
CA ILE B 138 -27.73 -11.83 2.37
C ILE B 138 -29.09 -12.47 2.64
N GLU B 139 -30.13 -11.66 2.78
CA GLU B 139 -31.47 -12.17 2.99
C GLU B 139 -32.28 -12.13 1.69
N LYS B 140 -32.99 -13.22 1.41
CA LYS B 140 -33.98 -13.27 0.33
C LYS B 140 -35.32 -12.84 0.90
N LEU B 141 -35.78 -11.66 0.51
CA LEU B 141 -36.97 -11.04 1.05
C LEU B 141 -38.11 -11.03 0.04
N GLU B 142 -39.26 -10.72 0.60
CA GLU B 142 -40.49 -10.83 -0.13
C GLU B 142 -41.34 -9.57 0.04
N LEU B 143 -41.88 -9.08 -1.08
CA LEU B 143 -42.71 -7.89 -1.05
C LEU B 143 -44.08 -8.20 -0.44
N ASN B 144 -44.80 -9.15 -1.04
CA ASN B 144 -46.14 -9.54 -0.58
C ASN B 144 -46.12 -10.21 0.80
N GLU B 145 -44.97 -10.38 1.42
CA GLU B 145 -44.90 -11.13 2.66
C GLU B 145 -44.09 -10.42 3.72
N LYS B 146 -43.02 -9.73 3.32
CA LYS B 146 -42.21 -8.89 4.19
C LYS B 146 -41.50 -9.67 5.29
N MET B 147 -41.53 -11.00 5.23
CA MET B 147 -40.81 -11.85 6.16
C MET B 147 -39.59 -12.42 5.46
N VAL B 148 -38.54 -12.69 6.22
CA VAL B 148 -37.34 -13.24 5.62
C VAL B 148 -37.60 -14.67 5.19
N LYS B 149 -37.61 -14.91 3.89
CA LYS B 149 -37.78 -16.25 3.37
C LYS B 149 -36.52 -17.09 3.57
N LEU B 150 -35.34 -16.47 3.58
CA LEU B 150 -34.09 -17.23 3.49
C LEU B 150 -32.92 -16.30 3.77
N LYS B 151 -31.93 -16.81 4.53
CA LYS B 151 -30.72 -16.08 4.87
C LYS B 151 -29.44 -16.89 4.59
N ARG B 152 -28.40 -16.22 4.12
CA ARG B 152 -27.11 -16.86 3.93
C ARG B 152 -26.04 -15.98 4.57
N GLU B 153 -25.29 -16.54 5.52
CA GLU B 153 -24.09 -15.93 6.05
C GLU B 153 -22.88 -16.38 5.23
N LYS B 154 -21.88 -15.52 5.17
CA LYS B 154 -20.65 -15.98 4.54
C LYS B 154 -19.54 -15.03 4.95
N ASN B 155 -18.41 -15.59 5.32
CA ASN B 155 -17.22 -14.82 5.63
C ASN B 155 -16.28 -14.93 4.45
N SER B 156 -15.65 -13.81 4.11
CA SER B 156 -14.77 -13.76 2.95
C SER B 156 -13.36 -13.38 3.41
N ARG B 157 -12.49 -14.38 3.55
CA ARG B 157 -11.11 -14.08 3.96
C ARG B 157 -10.36 -13.41 2.83
N ASP B 158 -10.51 -13.90 1.59
CA ASP B 158 -9.67 -13.45 0.50
C ASP B 158 -10.20 -12.20 -0.23
N GLN B 159 -11.51 -11.94 -0.21
CA GLN B 159 -12.17 -11.00 -1.12
C GLN B 159 -12.91 -9.90 -0.42
N ASN B 160 -13.24 -8.86 -1.17
CA ASN B 160 -14.13 -7.81 -0.68
C ASN B 160 -15.51 -7.92 -1.32
N PHE B 161 -15.97 -9.14 -1.54
CA PHE B 161 -17.28 -9.36 -2.11
C PHE B 161 -17.58 -10.85 -2.04
N VAL B 162 -18.85 -11.21 -2.29
CA VAL B 162 -19.31 -12.59 -2.31
C VAL B 162 -20.34 -12.78 -3.42
N ILE B 163 -20.39 -13.97 -3.98
CA ILE B 163 -21.42 -14.35 -4.93
C ILE B 163 -22.10 -15.60 -4.40
N LEU B 164 -23.33 -15.44 -3.95
CA LEU B 164 -24.12 -16.57 -3.48
C LEU B 164 -25.18 -16.89 -4.52
N GLU B 165 -25.36 -18.16 -4.78
CA GLU B 165 -26.46 -18.61 -5.59
C GLU B 165 -27.69 -18.74 -4.70
N PHE B 166 -28.87 -18.39 -5.22
CA PHE B 166 -30.10 -18.50 -4.43
C PHE B 166 -31.15 -19.25 -5.22
N PRO B 167 -31.95 -20.11 -4.58
CA PRO B 167 -33.02 -20.80 -5.31
C PRO B 167 -34.27 -19.95 -5.36
N VAL B 168 -34.94 -19.99 -6.50
CA VAL B 168 -36.25 -19.37 -6.59
C VAL B 168 -37.28 -20.43 -6.25
N GLU B 169 -38.01 -20.18 -5.19
CA GLU B 169 -39.10 -21.03 -4.79
C GLU B 169 -40.19 -21.06 -5.86
N GLU B 170 -41.21 -21.89 -5.67
CA GLU B 170 -42.42 -21.65 -6.42
C GLU B 170 -43.36 -20.74 -5.66
N GLN B 171 -43.28 -20.74 -4.32
CA GLN B 171 -44.03 -19.89 -3.42
C GLN B 171 -44.14 -18.44 -3.89
N ASP B 172 -43.16 -17.91 -4.63
CA ASP B 172 -43.25 -16.50 -5.02
C ASP B 172 -42.84 -16.26 -6.47
N ARG B 173 -43.14 -15.01 -6.90
CA ARG B 173 -42.91 -14.53 -8.25
C ARG B 173 -42.24 -13.16 -8.31
N VAL B 174 -42.18 -12.40 -7.22
CA VAL B 174 -41.51 -11.10 -7.19
C VAL B 174 -40.72 -11.00 -5.90
N LEU B 175 -39.39 -10.90 -5.97
CA LEU B 175 -38.66 -10.89 -4.72
C LEU B 175 -37.40 -10.04 -4.83
N SER B 176 -36.91 -9.59 -3.68
CA SER B 176 -35.69 -8.81 -3.64
C SER B 176 -34.76 -9.38 -2.57
N PHE B 177 -33.48 -9.05 -2.68
CA PHE B 177 -32.49 -9.50 -1.72
C PHE B 177 -31.88 -8.28 -1.04
N ARG B 178 -31.63 -8.41 0.25
CA ARG B 178 -31.05 -7.34 1.05
C ARG B 178 -29.80 -7.83 1.79
N CYS B 179 -28.77 -6.96 1.85
CA CYS B 179 -27.44 -7.33 2.29
C CYS B 179 -26.89 -6.28 3.25
N GLN B 180 -25.92 -6.70 4.07
CA GLN B 180 -25.39 -5.92 5.16
C GLN B 180 -24.02 -6.51 5.52
N ALA B 181 -22.98 -5.68 5.55
CA ALA B 181 -21.62 -6.19 5.68
C ALA B 181 -20.97 -5.81 7.01
N ARG B 182 -20.09 -6.68 7.50
CA ARG B 182 -19.44 -6.49 8.79
C ARG B 182 -17.94 -6.71 8.69
N ILE B 183 -17.18 -5.84 9.35
CA ILE B 183 -15.75 -6.02 9.46
C ILE B 183 -15.32 -5.68 10.87
N ILE B 184 -14.34 -6.41 11.36
CA ILE B 184 -13.97 -6.38 12.76
C ILE B 184 -12.60 -5.75 12.91
N SER B 185 -12.36 -5.19 14.11
CA SER B 185 -11.08 -4.56 14.42
C SER B 185 -10.59 -4.93 15.81
N GLY B 186 -11.15 -5.97 16.44
CA GLY B 186 -11.20 -6.03 17.88
C GLY B 186 -12.50 -5.43 18.33
N ILE B 187 -12.98 -4.45 17.55
CA ILE B 187 -14.34 -3.93 17.53
C ILE B 187 -14.91 -4.17 16.14
N HIS B 188 -16.20 -4.51 16.04
CA HIS B 188 -16.79 -4.82 14.75
C HIS B 188 -17.85 -3.79 14.36
N MET B 189 -17.97 -3.57 13.03
CA MET B 189 -18.77 -2.50 12.45
C MET B 189 -19.76 -3.08 11.44
N GLN B 190 -20.99 -2.58 11.42
CA GLN B 190 -22.03 -3.03 10.49
C GLN B 190 -22.36 -1.94 9.47
N THR B 191 -23.04 -2.35 8.40
CA THR B 191 -23.44 -1.42 7.35
C THR B 191 -24.90 -1.05 7.50
N SER B 192 -25.44 -0.40 6.46
CA SER B 192 -26.86 -0.31 6.24
C SER B 192 -27.30 -1.42 5.28
N GLU B 193 -28.58 -1.48 4.98
CA GLU B 193 -29.11 -2.44 4.03
C GLU B 193 -28.85 -2.02 2.58
N SER B 194 -28.98 -2.98 1.68
CA SER B 194 -29.11 -2.68 0.26
C SER B 194 -29.95 -3.76 -0.38
N THR B 195 -30.61 -3.42 -1.49
CA THR B 195 -31.66 -4.24 -2.07
C THR B 195 -31.62 -4.11 -3.58
N LYS B 196 -32.07 -5.13 -4.31
CA LYS B 196 -32.63 -4.83 -5.63
C LYS B 196 -33.71 -5.82 -6.00
N SER B 197 -34.82 -5.30 -6.55
CA SER B 197 -36.06 -6.02 -6.82
C SER B 197 -36.07 -6.68 -8.20
N GLU B 198 -36.79 -7.80 -8.30
CA GLU B 198 -36.92 -8.53 -9.54
C GLU B 198 -37.83 -9.74 -9.33
N LEU B 199 -38.31 -10.29 -10.43
CA LEU B 199 -39.54 -11.08 -10.47
C LEU B 199 -39.39 -12.41 -11.20
N VAL B 200 -40.45 -13.21 -11.11
CA VAL B 200 -40.49 -14.61 -11.53
C VAL B 200 -41.72 -14.83 -12.40
N THR B 201 -41.59 -15.76 -13.35
CA THR B 201 -42.71 -16.17 -14.18
C THR B 201 -42.91 -17.68 -14.14
N VAL B 202 -44.16 -18.08 -14.38
CA VAL B 202 -44.58 -19.49 -14.44
C VAL B 202 -43.71 -20.32 -15.40
#